data_7PY9
#
_entry.id   7PY9
#
_cell.length_a   50.254
_cell.length_b   68.399
_cell.length_c   118.418
_cell.angle_alpha   90.000
_cell.angle_beta   90.000
_cell.angle_gamma   90.000
#
_symmetry.space_group_name_H-M   'I 2 2 2'
#
loop_
_entity.id
_entity.type
_entity.pdbx_description
1 polymer 'Cholinephosphate cytidylyltransferase'
2 non-polymer D-Prolinol
3 water water
#
_entity_poly.entity_id   1
_entity_poly.type   'polypeptide(L)'
_entity_poly.pdbx_seq_one_letter_code
;GHMAVPDDDDDDDNSNDESEYESSQMDSEKNKGSIKNSKNVVIYADGVYDMLHLGHMKQLEQAKKLFENTTLIVGVTSDN
ETKLFKGQVVQTLEERTETLKHIRWVDEIISPCPWVVTPEFLEKYKIDYVAHDDIPYANNQKEDIYAWLKRAGKFKATQR
TEGVSTTDLIVRILKNYEDY
;
_entity_poly.pdbx_strand_id   A
#
# COMPACT_ATOMS: atom_id res chain seq x y z
N SER A 38 5.22 6.99 -21.96
CA SER A 38 4.26 7.33 -23.01
C SER A 38 3.03 7.94 -22.32
N LYS A 39 1.83 7.49 -22.67
CA LYS A 39 0.64 7.94 -21.95
C LYS A 39 0.73 7.58 -20.47
N ASN A 40 -0.02 8.33 -19.66
CA ASN A 40 0.06 8.17 -18.22
C ASN A 40 -0.73 6.94 -17.79
N VAL A 41 -0.12 6.13 -16.93
CA VAL A 41 -0.64 4.84 -16.50
C VAL A 41 -1.07 4.96 -15.05
N VAL A 42 -2.29 4.55 -14.73
CA VAL A 42 -2.79 4.67 -13.36
C VAL A 42 -2.53 3.36 -12.63
N ILE A 43 -1.78 3.45 -11.53
CA ILE A 43 -1.40 2.30 -10.70
C ILE A 43 -2.10 2.40 -9.36
N TYR A 44 -2.66 1.29 -8.90
CA TYR A 44 -3.31 1.25 -7.59
C TYR A 44 -2.58 0.28 -6.69
N ALA A 45 -2.27 0.71 -5.48
CA ALA A 45 -1.68 -0.13 -4.45
C ALA A 45 -2.49 0.07 -3.17
N ASP A 46 -2.78 -1.01 -2.46
CA ASP A 46 -3.54 -0.83 -1.22
C ASP A 46 -2.82 -1.52 -0.09
N GLY A 47 -3.25 -1.23 1.13
CA GLY A 47 -2.65 -1.86 2.28
C GLY A 47 -3.04 -1.16 3.56
N VAL A 48 -2.50 -1.68 4.66
CA VAL A 48 -2.70 -1.06 5.96
C VAL A 48 -1.77 0.12 6.15
N TYR A 49 -0.50 -0.02 5.78
CA TYR A 49 0.49 1.04 5.98
C TYR A 49 0.55 1.48 7.43
N ASP A 50 0.42 0.52 8.34
CA ASP A 50 0.61 0.78 9.76
C ASP A 50 2.10 0.98 10.01
N MET A 51 2.45 2.01 10.78
CA MET A 51 3.83 2.20 11.26
C MET A 51 4.82 2.21 10.09
N LEU A 52 4.55 3.12 9.15
CA LEU A 52 5.20 3.11 7.85
C LEU A 52 6.70 3.10 8.00
N HIS A 53 7.38 2.24 7.25
CA HIS A 53 8.84 2.19 7.32
C HIS A 53 9.44 2.06 5.92
N LEU A 54 10.77 1.93 5.87
CA LEU A 54 11.51 1.89 4.61
C LEU A 54 10.96 0.84 3.65
N GLY A 55 10.53 -0.30 4.18
CA GLY A 55 10.00 -1.36 3.34
C GLY A 55 8.76 -0.93 2.57
N HIS A 56 7.81 -0.29 3.25
CA HIS A 56 6.63 0.23 2.56
C HIS A 56 7.03 1.25 1.52
N MET A 57 7.99 2.10 1.89
CA MET A 57 8.45 3.22 1.08
C MET A 57 9.05 2.70 -0.22
N LYS A 58 9.93 1.72 -0.13
CA LYS A 58 10.51 1.10 -1.31
C LYS A 58 9.46 0.40 -2.16
N GLN A 59 8.42 -0.16 -1.52
CA GLN A 59 7.36 -0.82 -2.29
C GLN A 59 6.50 0.19 -3.03
N LEU A 60 6.16 1.30 -2.37
CA LEU A 60 5.48 2.40 -3.04
C LEU A 60 6.33 2.97 -4.18
N GLU A 61 7.64 3.14 -3.97
CA GLU A 61 8.52 3.60 -5.05
C GLU A 61 8.47 2.65 -6.24
N GLN A 62 8.51 1.34 -5.97
CA GLN A 62 8.45 0.35 -7.03
C GLN A 62 7.18 0.46 -7.83
N ALA A 63 6.04 0.51 -7.13
CA ALA A 63 4.75 0.69 -7.81
C ALA A 63 4.77 1.94 -8.68
N LYS A 64 5.25 3.05 -8.11
CA LYS A 64 5.29 4.32 -8.83
C LYS A 64 6.12 4.21 -10.11
N LYS A 65 7.19 3.41 -10.10
CA LYS A 65 8.10 3.35 -11.23
C LYS A 65 7.89 2.13 -12.12
N LEU A 66 6.70 1.52 -12.10
CA LEU A 66 6.44 0.39 -12.99
C LEU A 66 6.44 0.81 -14.45
N PHE A 67 5.99 2.03 -14.74
CA PHE A 67 6.07 2.61 -16.08
C PHE A 67 6.63 4.01 -15.95
N GLU A 68 7.00 4.60 -17.08
CA GLU A 68 7.74 5.86 -17.05
C GLU A 68 6.85 7.02 -16.63
N ASN A 69 5.56 7.00 -16.98
CA ASN A 69 4.61 8.02 -16.54
C ASN A 69 3.47 7.32 -15.84
N THR A 70 3.33 7.56 -14.54
CA THR A 70 2.29 6.93 -13.76
C THR A 70 1.61 7.95 -12.85
N THR A 71 0.39 7.60 -12.44
CA THR A 71 -0.26 8.16 -11.25
C THR A 71 -0.43 7.00 -10.27
N LEU A 72 0.18 7.13 -9.09
CA LEU A 72 0.10 6.08 -8.06
C LEU A 72 -1.00 6.44 -7.08
N ILE A 73 -2.09 5.66 -7.10
CA ILE A 73 -3.16 5.77 -6.12
C ILE A 73 -2.92 4.74 -5.04
N VAL A 74 -2.94 5.19 -3.78
CA VAL A 74 -2.70 4.30 -2.65
C VAL A 74 -4.00 4.19 -1.86
N GLY A 75 -4.44 2.97 -1.62
CA GLY A 75 -5.63 2.72 -0.81
C GLY A 75 -5.22 2.34 0.60
N VAL A 76 -5.88 2.95 1.58
CA VAL A 76 -5.56 2.75 2.99
C VAL A 76 -6.77 2.13 3.65
N THR A 77 -6.59 0.93 4.24
CA THR A 77 -7.73 0.19 4.76
C THR A 77 -8.27 0.81 6.05
N SER A 78 -9.59 0.69 6.24
CA SER A 78 -10.25 1.23 7.43
C SER A 78 -9.79 0.50 8.71
N ASP A 79 -9.96 1.15 9.87
CA ASP A 79 -9.56 0.51 11.12
C ASP A 79 -10.36 -0.75 11.38
N ASN A 80 -11.69 -0.67 11.25
CA ASN A 80 -12.53 -1.80 11.61
CA ASN A 80 -12.52 -1.81 11.63
C ASN A 80 -12.26 -3.00 10.72
N GLU A 81 -12.15 -2.79 9.41
CA GLU A 81 -11.91 -3.92 8.51
C GLU A 81 -10.52 -4.51 8.71
N THR A 82 -9.53 -3.65 8.98
CA THR A 82 -8.21 -4.16 9.33
C THR A 82 -8.27 -5.04 10.58
N LYS A 83 -8.98 -4.59 11.62
CA LYS A 83 -9.08 -5.40 12.84
C LYS A 83 -9.83 -6.69 12.57
N LEU A 84 -10.88 -6.64 11.76
CA LEU A 84 -11.68 -7.83 11.53
C LEU A 84 -10.89 -8.88 10.77
N PHE A 85 -10.26 -8.49 9.67
CA PHE A 85 -9.69 -9.42 8.72
C PHE A 85 -8.21 -9.68 8.91
N LYS A 86 -7.46 -8.71 9.44
CA LYS A 86 -6.02 -8.81 9.54
C LYS A 86 -5.54 -9.04 10.96
N GLY A 87 -6.27 -8.55 11.95
CA GLY A 87 -5.78 -8.48 13.31
C GLY A 87 -5.53 -7.03 13.68
N GLN A 88 -4.82 -6.81 14.79
CA GLN A 88 -4.67 -5.48 15.38
C GLN A 88 -4.17 -4.43 14.38
N VAL A 89 -4.35 -3.15 14.71
CA VAL A 89 -3.76 -2.05 13.96
C VAL A 89 -3.32 -1.03 14.99
N VAL A 90 -2.09 -0.49 14.83
CA VAL A 90 -1.56 0.38 15.88
C VAL A 90 -2.00 1.82 15.65
N GLN A 91 -1.91 2.29 14.42
CA GLN A 91 -2.23 3.67 14.10
C GLN A 91 -3.62 3.73 13.46
N THR A 92 -4.34 4.82 13.76
CA THR A 92 -5.65 5.00 13.18
C THR A 92 -5.55 5.26 11.68
N LEU A 93 -6.71 5.17 11.02
CA LEU A 93 -6.79 5.53 9.62
C LEU A 93 -6.21 6.93 9.38
N GLU A 94 -6.62 7.89 10.18
CA GLU A 94 -6.20 9.27 9.95
CA GLU A 94 -6.20 9.27 9.98
C GLU A 94 -4.68 9.42 10.07
N GLU A 95 -4.05 8.74 11.05
CA GLU A 95 -2.59 8.78 11.20
C GLU A 95 -1.88 8.07 10.06
N ARG A 96 -2.38 6.90 9.66
CA ARG A 96 -1.73 6.16 8.58
C ARG A 96 -1.82 6.91 7.26
N THR A 97 -2.96 7.56 7.02
CA THR A 97 -3.15 8.33 5.80
C THR A 97 -2.30 9.59 5.81
N GLU A 98 -2.34 10.34 6.93
CA GLU A 98 -1.53 11.57 7.03
C GLU A 98 -0.04 11.29 6.82
N THR A 99 0.45 10.15 7.28
CA THR A 99 1.84 9.79 7.03
C THR A 99 2.10 9.54 5.54
N LEU A 100 1.22 8.78 4.88
CA LEU A 100 1.43 8.44 3.47
C LEU A 100 1.45 9.69 2.59
N LYS A 101 0.71 10.73 3.00
CA LYS A 101 0.68 12.01 2.31
C LYS A 101 2.07 12.59 2.11
N HIS A 102 2.99 12.35 3.05
CA HIS A 102 4.32 12.94 2.94
C HIS A 102 5.27 12.15 2.04
N ILE A 103 4.83 11.05 1.45
CA ILE A 103 5.72 10.15 0.72
C ILE A 103 5.72 10.56 -0.74
N ARG A 104 6.94 10.72 -1.28
CA ARG A 104 7.13 11.32 -2.61
C ARG A 104 6.38 10.57 -3.72
N TRP A 105 6.28 9.24 -3.64
CA TRP A 105 5.75 8.42 -4.73
C TRP A 105 4.24 8.43 -4.78
N VAL A 106 3.59 8.93 -3.73
CA VAL A 106 2.14 8.84 -3.59
C VAL A 106 1.50 10.00 -4.29
N ASP A 107 0.75 9.72 -5.36
CA ASP A 107 0.09 10.80 -6.08
C ASP A 107 -1.33 11.06 -5.57
N GLU A 108 -2.06 10.00 -5.22
CA GLU A 108 -3.42 10.14 -4.71
C GLU A 108 -3.64 9.06 -3.66
N ILE A 109 -4.54 9.33 -2.73
CA ILE A 109 -4.86 8.38 -1.67
C ILE A 109 -6.36 8.21 -1.60
N ILE A 110 -6.81 6.96 -1.51
CA ILE A 110 -8.21 6.65 -1.21
C ILE A 110 -8.23 6.09 0.21
N SER A 111 -8.86 6.83 1.12
CA SER A 111 -8.85 6.53 2.55
C SER A 111 -10.19 6.85 3.20
N PRO A 112 -10.93 5.84 3.69
CA PRO A 112 -10.57 4.42 3.61
C PRO A 112 -10.78 3.89 2.20
N CYS A 113 -10.10 2.85 1.88
CA CYS A 113 -10.28 2.13 0.64
C CYS A 113 -11.11 0.89 0.87
N PRO A 114 -11.72 0.33 -0.15
CA PRO A 114 -12.43 -0.94 0.02
C PRO A 114 -11.45 -2.04 0.38
N TRP A 115 -11.92 -3.04 1.13
CA TRP A 115 -11.02 -4.12 1.51
C TRP A 115 -10.73 -5.04 0.33
N VAL A 116 -11.72 -5.29 -0.51
CA VAL A 116 -11.56 -6.14 -1.70
C VAL A 116 -11.67 -5.24 -2.92
N VAL A 117 -10.66 -5.34 -3.80
CA VAL A 117 -10.74 -4.70 -5.10
C VAL A 117 -11.76 -5.42 -5.96
N THR A 118 -12.61 -4.65 -6.64
CA THR A 118 -13.59 -5.14 -7.59
C THR A 118 -13.31 -4.57 -8.98
N PRO A 119 -13.82 -5.21 -10.04
CA PRO A 119 -13.72 -4.61 -11.38
C PRO A 119 -14.42 -3.26 -11.49
N GLU A 120 -15.56 -3.10 -10.81
CA GLU A 120 -16.24 -1.80 -10.77
C GLU A 120 -15.35 -0.72 -10.16
N PHE A 121 -14.56 -1.08 -9.14
CA PHE A 121 -13.64 -0.12 -8.53
C PHE A 121 -12.57 0.32 -9.53
N LEU A 122 -11.97 -0.64 -10.25
CA LEU A 122 -10.96 -0.31 -11.26
C LEU A 122 -11.55 0.58 -12.35
N GLU A 123 -12.79 0.30 -12.77
CA GLU A 123 -13.42 1.16 -13.77
C GLU A 123 -13.69 2.56 -13.22
N LYS A 124 -14.20 2.66 -12.00
CA LYS A 124 -14.62 3.96 -11.49
C LYS A 124 -13.43 4.92 -11.36
N TYR A 125 -12.27 4.41 -10.96
CA TYR A 125 -11.06 5.23 -10.80
C TYR A 125 -10.09 5.10 -11.96
N LYS A 126 -10.51 4.48 -13.07
CA LYS A 126 -9.69 4.33 -14.27
C LYS A 126 -8.30 3.80 -13.95
N ILE A 127 -8.26 2.72 -13.17
CA ILE A 127 -7.01 2.07 -12.77
C ILE A 127 -6.56 1.12 -13.87
N ASP A 128 -5.29 1.24 -14.26
CA ASP A 128 -4.76 0.33 -15.27
C ASP A 128 -4.12 -0.91 -14.66
N TYR A 129 -3.45 -0.77 -13.53
CA TYR A 129 -2.75 -1.89 -12.90
C TYR A 129 -2.90 -1.81 -11.39
N VAL A 130 -2.91 -2.98 -10.74
CA VAL A 130 -2.90 -3.13 -9.30
C VAL A 130 -1.52 -3.65 -8.92
N ALA A 131 -0.84 -2.97 -8.00
CA ALA A 131 0.49 -3.39 -7.56
C ALA A 131 0.36 -4.15 -6.25
N HIS A 132 0.88 -5.37 -6.20
CA HIS A 132 0.92 -6.20 -5.01
C HIS A 132 2.31 -6.82 -4.90
N ASP A 133 2.57 -7.51 -3.81
CA ASP A 133 3.92 -8.07 -3.58
C ASP A 133 4.04 -9.58 -3.75
N ASP A 144 -5.55 -18.08 -6.79
CA ASP A 144 -5.52 -16.99 -5.83
C ASP A 144 -6.82 -16.21 -5.86
N ILE A 145 -6.95 -15.31 -4.90
CA ILE A 145 -8.04 -14.34 -4.92
C ILE A 145 -7.77 -13.23 -5.94
N TYR A 146 -6.51 -13.05 -6.36
CA TYR A 146 -6.13 -12.05 -7.35
C TYR A 146 -5.99 -12.63 -8.75
N ALA A 147 -6.50 -13.84 -8.97
CA ALA A 147 -6.39 -14.49 -10.28
C ALA A 147 -7.10 -13.69 -11.34
N TRP A 148 -8.27 -13.12 -11.02
CA TRP A 148 -9.00 -12.30 -12.00
C TRP A 148 -8.18 -11.10 -12.43
N LEU A 149 -7.36 -10.54 -11.54
CA LEU A 149 -6.52 -9.42 -11.95
C LEU A 149 -5.45 -9.89 -12.94
N LYS A 150 -4.82 -11.04 -12.67
CA LYS A 150 -3.82 -11.52 -13.62
C LYS A 150 -4.46 -11.87 -14.97
N ARG A 151 -5.64 -12.48 -14.95
CA ARG A 151 -6.35 -12.79 -16.20
C ARG A 151 -6.56 -11.55 -17.04
N ALA A 152 -6.73 -10.40 -16.40
CA ALA A 152 -7.01 -9.16 -17.11
C ALA A 152 -5.74 -8.41 -17.49
N GLY A 153 -4.57 -8.92 -17.14
CA GLY A 153 -3.33 -8.20 -17.38
C GLY A 153 -3.10 -7.02 -16.47
N LYS A 154 -3.81 -6.96 -15.33
CA LYS A 154 -3.77 -5.80 -14.45
C LYS A 154 -2.94 -6.02 -13.19
N PHE A 155 -2.33 -7.19 -13.05
CA PHE A 155 -1.56 -7.53 -11.85
C PHE A 155 -0.08 -7.24 -12.10
N LYS A 156 0.51 -6.38 -11.26
CA LYS A 156 1.93 -6.10 -11.29
C LYS A 156 2.50 -6.39 -9.91
N ALA A 157 3.50 -7.28 -9.85
CA ALA A 157 4.10 -7.62 -8.57
C ALA A 157 5.19 -6.62 -8.18
N THR A 158 5.17 -6.17 -6.94
CA THR A 158 6.33 -5.54 -6.31
C THR A 158 6.95 -6.56 -5.35
N GLN A 159 7.92 -6.13 -4.55
CA GLN A 159 8.88 -7.06 -4.01
C GLN A 159 8.71 -7.44 -2.54
N ARG A 160 8.27 -6.52 -1.68
CA ARG A 160 8.60 -6.59 -0.26
C ARG A 160 10.11 -6.48 -0.16
N THR A 161 10.57 -5.54 0.62
CA THR A 161 11.98 -5.42 0.87
C THR A 161 12.14 -5.33 2.37
N GLU A 162 13.38 -5.39 2.83
CA GLU A 162 13.59 -5.15 4.24
C GLU A 162 13.60 -3.65 4.49
N GLY A 163 12.92 -3.26 5.57
CA GLY A 163 13.13 -1.96 6.17
C GLY A 163 13.52 -2.17 7.62
N VAL A 164 14.02 -1.09 8.23
CA VAL A 164 14.16 -1.08 9.67
C VAL A 164 12.75 -0.84 10.21
N SER A 165 12.00 -1.91 10.47
CA SER A 165 10.67 -1.80 11.05
C SER A 165 10.77 -1.25 12.47
N THR A 166 9.61 -0.92 13.03
CA THR A 166 9.57 -0.49 14.42
C THR A 166 10.15 -1.57 15.32
N THR A 167 9.85 -2.83 15.01
CA THR A 167 10.38 -3.92 15.80
C THR A 167 11.89 -4.01 15.70
N ASP A 168 12.45 -3.83 14.49
CA ASP A 168 13.89 -3.83 14.34
C ASP A 168 14.54 -2.70 15.15
N LEU A 169 13.96 -1.50 15.10
CA LEU A 169 14.45 -0.38 15.90
C LEU A 169 14.48 -0.71 17.39
N ILE A 170 13.37 -1.24 17.94
CA ILE A 170 13.34 -1.55 19.37
C ILE A 170 14.40 -2.57 19.71
N VAL A 171 14.44 -3.68 18.96
CA VAL A 171 15.45 -4.71 19.18
C VAL A 171 16.83 -4.10 19.20
N ARG A 172 17.11 -3.23 18.24
CA ARG A 172 18.43 -2.63 18.12
C ARG A 172 18.75 -1.76 19.34
N ILE A 173 17.77 -0.97 19.80
CA ILE A 173 17.97 -0.15 20.98
C ILE A 173 18.17 -1.02 22.22
N LEU A 174 17.38 -2.09 22.36
CA LEU A 174 17.41 -2.89 23.57
C LEU A 174 18.65 -3.77 23.64
N LYS A 175 19.18 -4.20 22.49
CA LYS A 175 20.37 -5.06 22.46
C LYS A 175 21.54 -4.42 23.20
N ASN A 176 21.54 -3.10 23.36
CA ASN A 176 22.49 -2.40 24.22
C ASN A 176 22.30 -2.72 25.71
N TYR A 177 21.39 -3.64 26.06
CA TYR A 177 21.12 -4.02 27.45
C TYR A 177 20.82 -5.53 27.55
N GLU A 178 21.79 -6.33 27.10
CA GLU A 178 21.86 -7.79 27.31
C GLU A 178 21.05 -8.63 26.32
#